data_6TVX
#
_entry.id   6TVX
#
_cell.length_a   54.519
_cell.length_b   97.453
_cell.length_c   233.697
_cell.angle_alpha   90.000
_cell.angle_beta   90.000
_cell.angle_gamma   90.000
#
_symmetry.space_group_name_H-M   'C 2 2 21'
#
loop_
_entity.id
_entity.type
_entity.pdbx_description
1 polymer "5'-nucleotidase"
2 non-polymer 'ZINC ION'
3 non-polymer '[[(2~{R},3~{S},4~{R},5~{R})-5-[2,6-bis(azanyl)purin-9-yl]-3,4-bis(oxidanyl)oxolan-2-yl]methoxy-oxidanyl-phosphoryl]methylphosphonic acid'
4 water water
#
_entity_poly.entity_id   1
_entity_poly.type   'polypeptide(L)'
_entity_poly.pdbx_seq_one_letter_code
;MWELTILHTNDVHSRLEQTSEDSSKCVDASRCMGGVARLFTKVQQIRRAEPNVLLLDAGDQYQGTIWFTVYKGAEVAHFM
NALRYDAMALGNHEFDNGVEGLIEPLLKEAKFPILSANIKAKGPLASQISGLYLPYKVLPVGDEVVGIVGYTSKETPFLS
NPGTNLVFEDEITALQPEVDKLKTLNVNKIIALGHSGFEMDKLIAQKVRGVDVVVGGHSNTFLYTGNPPSKEVPAGKYPF
IVTSDDGRKVPVVQAYAFGKYLGYLKIEFDERGNVISSHGNPILLDSSIPEDPSIKADINKWRIKLDDYSTQELGKTIVY
LDGSSQSCRFRECNMGNLICDAMINNNLRHADEMFWNHVSMCILNGGGIRSPIDERNDGTITWENLAAVLPFGGTFDLVQ
LKGSTLKKAFEHSVHRYGQSTGEFLQVGGIHVVYDLSRKPGDRVVKLDVLCTKCRVPSYDPLKMDEVYKVILPNFLANGG
DGFQMIKDELLRHDSGDQDINVVSTYISKMKVIYPAVEGRIKFSLEHHHHHH
;
_entity_poly.pdbx_strand_id   A
#
loop_
_chem_comp.id
_chem_comp.type
_chem_comp.name
_chem_comp.formula
NYW non-polymer '[[(2~{R},3~{S},4~{R},5~{R})-5-[2,6-bis(azanyl)purin-9-yl]-3,4-bis(oxidanyl)oxolan-2-yl]methoxy-oxidanyl-phosphoryl]methylphosphonic acid' 'C11 H18 N6 O9 P2'
ZN non-polymer 'ZINC ION' 'Zn 2'
#
# COMPACT_ATOMS: atom_id res chain seq x y z
N MET A 1 -4.13 -19.45 30.25
CA MET A 1 -5.20 -20.44 30.45
C MET A 1 -5.90 -20.74 29.13
N TRP A 2 -6.32 -19.70 28.39
CA TRP A 2 -6.92 -19.87 27.07
C TRP A 2 -6.01 -19.16 26.09
N GLU A 3 -5.38 -19.91 25.19
CA GLU A 3 -4.48 -19.34 24.21
C GLU A 3 -5.19 -19.21 22.87
N LEU A 4 -4.98 -18.07 22.20
CA LEU A 4 -5.51 -17.78 20.87
C LEU A 4 -4.31 -17.48 19.99
N THR A 5 -4.31 -18.01 18.76
CA THR A 5 -3.26 -17.75 17.77
C THR A 5 -3.87 -16.87 16.66
N ILE A 6 -3.50 -15.57 16.64
CA ILE A 6 -3.97 -14.65 15.60
C ILE A 6 -2.98 -14.75 14.47
N LEU A 7 -3.47 -14.94 13.22
CA LEU A 7 -2.64 -15.02 12.02
C LEU A 7 -3.13 -13.88 11.15
N HIS A 8 -2.24 -13.20 10.41
CA HIS A 8 -2.74 -12.03 9.72
C HIS A 8 -1.90 -11.55 8.68
N THR A 9 -2.50 -10.72 7.74
CA THR A 9 -1.72 -10.14 6.56
C THR A 9 -2.21 -8.71 6.27
N ASN A 10 -1.52 -7.94 5.44
CA ASN A 10 -2.11 -6.59 5.21
C ASN A 10 -1.43 -6.15 4.01
N ASP A 11 -2.01 -5.19 3.28
CA ASP A 11 -1.44 -4.71 2.03
C ASP A 11 -0.94 -5.85 1.15
N VAL A 12 -1.81 -6.87 0.94
CA VAL A 12 -1.46 -8.02 0.09
C VAL A 12 -1.34 -7.53 -1.35
N HIS A 13 -2.23 -6.60 -1.78
CA HIS A 13 -2.20 -5.95 -3.08
C HIS A 13 -2.07 -6.90 -4.29
N SER A 14 -3.10 -7.73 -4.48
CA SER A 14 -3.26 -8.67 -5.59
C SER A 14 -2.03 -9.54 -5.94
N ARG A 15 -1.19 -9.89 -4.93
CA ARG A 15 -0.03 -10.76 -5.10
C ARG A 15 -0.49 -12.20 -4.84
N LEU A 16 -1.41 -12.69 -5.70
CA LEU A 16 -1.98 -14.03 -5.55
C LEU A 16 -0.99 -15.12 -5.91
N GLU A 17 -0.12 -14.87 -6.88
CA GLU A 17 0.92 -15.82 -7.28
C GLU A 17 2.15 -15.49 -6.50
N GLN A 18 3.01 -16.48 -6.25
CA GLN A 18 4.28 -16.27 -5.56
C GLN A 18 5.06 -15.17 -6.26
N THR A 19 5.79 -14.35 -5.51
CA THR A 19 6.54 -13.22 -6.06
C THR A 19 8.04 -13.43 -5.90
N SER A 20 8.81 -12.44 -6.35
CA SER A 20 10.25 -12.45 -6.19
C SER A 20 10.51 -11.88 -4.80
N GLU A 21 11.77 -11.86 -4.36
CA GLU A 21 12.13 -11.31 -3.05
C GLU A 21 11.67 -9.84 -2.90
N ASP A 22 11.73 -9.06 -4.00
CA ASP A 22 11.30 -7.66 -4.03
C ASP A 22 9.78 -7.46 -4.25
N SER A 23 8.98 -8.53 -4.21
CA SER A 23 7.53 -8.51 -4.38
C SER A 23 7.06 -8.25 -5.83
N SER A 24 7.97 -8.24 -6.83
CA SER A 24 7.60 -8.08 -8.24
C SER A 24 7.30 -9.47 -8.81
N LYS A 25 7.08 -9.60 -10.13
CA LYS A 25 6.80 -10.90 -10.77
C LYS A 25 7.89 -11.94 -10.44
N CYS A 26 7.48 -13.19 -10.25
CA CYS A 26 8.40 -14.30 -9.94
C CYS A 26 8.99 -14.81 -11.26
N VAL A 27 10.34 -14.96 -11.32
CA VAL A 27 11.05 -15.49 -12.50
C VAL A 27 11.69 -16.83 -12.05
N ASP A 28 12.66 -16.77 -11.11
CA ASP A 28 13.32 -17.96 -10.60
C ASP A 28 12.46 -18.58 -9.48
N ALA A 29 11.61 -19.56 -9.83
CA ALA A 29 10.72 -20.23 -8.88
C ALA A 29 11.44 -20.88 -7.68
N SER A 30 12.72 -21.27 -7.86
CA SER A 30 13.57 -21.88 -6.82
C SER A 30 13.79 -20.96 -5.60
N ARG A 31 13.74 -19.62 -5.78
CA ARG A 31 13.95 -18.66 -4.68
C ARG A 31 12.76 -17.71 -4.48
N CYS A 32 11.55 -18.09 -4.95
CA CYS A 32 10.38 -17.24 -4.84
C CYS A 32 9.69 -17.34 -3.48
N MET A 33 8.78 -16.40 -3.20
CA MET A 33 8.14 -16.25 -1.89
C MET A 33 6.67 -15.86 -2.00
N GLY A 34 5.97 -15.91 -0.88
CA GLY A 34 4.55 -15.54 -0.77
C GLY A 34 3.61 -16.32 -1.65
N GLY A 35 2.49 -15.69 -2.03
CA GLY A 35 1.47 -16.31 -2.86
C GLY A 35 0.44 -17.03 -2.03
N VAL A 36 -0.84 -17.03 -2.48
CA VAL A 36 -1.93 -17.63 -1.70
C VAL A 36 -1.74 -19.16 -1.49
N ALA A 37 -1.14 -19.88 -2.45
CA ALA A 37 -0.89 -21.31 -2.33
C ALA A 37 0.11 -21.59 -1.21
N ARG A 38 1.18 -20.80 -1.11
CA ARG A 38 2.17 -20.96 -0.05
C ARG A 38 1.59 -20.53 1.29
N LEU A 39 0.84 -19.39 1.30
CA LEU A 39 0.15 -18.91 2.51
C LEU A 39 -0.78 -19.99 3.06
N PHE A 40 -1.46 -20.76 2.18
CA PHE A 40 -2.37 -21.83 2.59
C PHE A 40 -1.66 -22.96 3.33
N THR A 41 -0.44 -23.31 2.92
CA THR A 41 0.31 -24.40 3.53
C THR A 41 0.68 -24.09 4.98
N LYS A 42 1.16 -22.86 5.25
CA LYS A 42 1.49 -22.46 6.61
C LYS A 42 0.21 -22.38 7.43
N VAL A 43 -0.83 -21.73 6.88
CA VAL A 43 -2.13 -21.62 7.55
C VAL A 43 -2.64 -22.99 7.99
N GLN A 44 -2.67 -24.00 7.09
CA GLN A 44 -3.13 -25.33 7.49
C GLN A 44 -2.16 -25.98 8.50
N GLN A 45 -0.83 -25.87 8.27
CA GLN A 45 0.21 -26.39 9.17
C GLN A 45 -0.08 -25.87 10.59
N ILE A 46 -0.41 -24.57 10.71
CA ILE A 46 -0.74 -23.97 11.99
C ILE A 46 -2.08 -24.51 12.50
N ARG A 47 -3.14 -24.49 11.66
CA ARG A 47 -4.47 -24.99 12.07
C ARG A 47 -4.44 -26.41 12.65
N ARG A 48 -3.57 -27.28 12.13
CA ARG A 48 -3.42 -28.63 12.69
C ARG A 48 -2.83 -28.55 14.09
N ALA A 49 -1.77 -27.74 14.27
CA ALA A 49 -1.07 -27.64 15.55
C ALA A 49 -1.85 -26.94 16.63
N GLU A 50 -2.41 -25.76 16.31
CA GLU A 50 -3.11 -24.94 17.28
C GLU A 50 -4.62 -25.14 17.19
N PRO A 51 -5.32 -25.43 18.30
CA PRO A 51 -6.78 -25.62 18.20
C PRO A 51 -7.58 -24.31 18.08
N ASN A 52 -7.16 -23.23 18.74
CA ASN A 52 -7.86 -21.93 18.71
C ASN A 52 -7.11 -20.93 17.81
N VAL A 53 -7.47 -20.87 16.50
CA VAL A 53 -6.80 -20.04 15.47
C VAL A 53 -7.72 -19.08 14.73
N LEU A 54 -7.22 -17.85 14.47
CA LEU A 54 -7.97 -16.86 13.67
C LEU A 54 -7.10 -16.32 12.55
N LEU A 55 -7.56 -16.52 11.31
CA LEU A 55 -6.90 -15.93 10.16
C LEU A 55 -7.71 -14.66 9.93
N LEU A 56 -7.03 -13.53 9.81
CA LEU A 56 -7.70 -12.20 9.66
C LEU A 56 -6.86 -11.47 8.70
N ASP A 57 -7.42 -10.48 7.92
CA ASP A 57 -6.71 -9.65 6.91
C ASP A 57 -6.95 -8.17 7.26
N ALA A 58 -5.91 -7.38 7.49
CA ALA A 58 -6.14 -6.00 7.90
C ALA A 58 -6.20 -4.92 6.74
N GLY A 59 -6.83 -5.25 5.62
CA GLY A 59 -7.07 -4.32 4.52
C GLY A 59 -6.05 -4.28 3.40
N ASP A 60 -6.48 -3.68 2.26
CA ASP A 60 -5.72 -3.48 1.02
C ASP A 60 -5.38 -4.81 0.31
N GLN A 61 -6.40 -5.60 -0.02
CA GLN A 61 -6.26 -6.80 -0.85
C GLN A 61 -6.42 -6.35 -2.32
N TYR A 62 -7.20 -5.27 -2.54
CA TYR A 62 -7.45 -4.67 -3.86
C TYR A 62 -6.24 -3.89 -4.39
N GLN A 63 -6.10 -3.88 -5.74
CA GLN A 63 -5.12 -3.12 -6.51
C GLN A 63 -3.65 -3.49 -6.26
N GLY A 64 -2.90 -3.74 -7.33
CA GLY A 64 -1.48 -4.08 -7.19
C GLY A 64 -0.83 -4.77 -8.36
N THR A 65 -1.57 -5.66 -9.06
CA THR A 65 -1.08 -6.41 -10.21
C THR A 65 -2.18 -6.61 -11.25
N ILE A 66 -1.82 -7.21 -12.40
CA ILE A 66 -2.77 -7.50 -13.50
C ILE A 66 -3.99 -8.32 -13.02
N TRP A 67 -3.85 -9.15 -11.96
CA TRP A 67 -4.95 -9.93 -11.38
C TRP A 67 -6.16 -9.06 -11.08
N PHE A 68 -5.94 -7.92 -10.42
CA PHE A 68 -7.01 -7.01 -10.09
C PHE A 68 -7.47 -6.18 -11.29
N THR A 69 -6.57 -5.87 -12.23
CA THR A 69 -6.96 -5.12 -13.43
C THR A 69 -8.01 -5.94 -14.19
N VAL A 70 -7.82 -7.27 -14.24
CA VAL A 70 -8.71 -8.19 -14.94
C VAL A 70 -9.90 -8.63 -14.10
N TYR A 71 -9.67 -9.30 -12.95
CA TYR A 71 -10.74 -9.86 -12.12
C TYR A 71 -11.47 -8.86 -11.19
N LYS A 72 -10.96 -7.63 -11.06
CA LYS A 72 -11.57 -6.53 -10.30
C LYS A 72 -12.18 -6.90 -8.93
N GLY A 73 -11.50 -7.78 -8.18
CA GLY A 73 -11.94 -8.20 -6.85
C GLY A 73 -12.53 -9.60 -6.76
N ALA A 74 -12.99 -10.17 -7.88
CA ALA A 74 -13.55 -11.53 -7.87
C ALA A 74 -12.49 -12.57 -7.45
N GLU A 75 -11.21 -12.29 -7.73
CA GLU A 75 -10.10 -13.15 -7.35
C GLU A 75 -9.83 -13.05 -5.83
N VAL A 76 -9.97 -11.85 -5.23
CA VAL A 76 -9.76 -11.63 -3.79
C VAL A 76 -10.76 -12.49 -3.05
N ALA A 77 -12.05 -12.34 -3.40
CA ALA A 77 -13.11 -13.14 -2.82
C ALA A 77 -12.83 -14.62 -2.94
N HIS A 78 -12.73 -15.15 -4.16
CA HIS A 78 -12.52 -16.58 -4.40
C HIS A 78 -11.36 -17.19 -3.63
N PHE A 79 -10.18 -16.57 -3.69
CA PHE A 79 -9.01 -17.12 -3.00
C PHE A 79 -9.02 -16.84 -1.51
N MET A 80 -9.61 -15.74 -1.02
CA MET A 80 -9.69 -15.54 0.44
C MET A 80 -10.65 -16.56 1.04
N ASN A 81 -11.76 -16.84 0.33
CA ASN A 81 -12.72 -17.89 0.71
C ASN A 81 -12.00 -19.24 0.74
N ALA A 82 -11.23 -19.58 -0.34
CA ALA A 82 -10.46 -20.83 -0.43
C ALA A 82 -9.49 -21.03 0.74
N LEU A 83 -8.86 -19.94 1.21
CA LEU A 83 -7.94 -19.96 2.36
C LEU A 83 -8.69 -19.99 3.68
N ARG A 84 -9.99 -19.65 3.66
CA ARG A 84 -10.89 -19.66 4.81
C ARG A 84 -10.48 -18.62 5.84
N TYR A 85 -10.54 -17.35 5.44
CA TYR A 85 -10.26 -16.21 6.33
C TYR A 85 -11.42 -16.16 7.31
N ASP A 86 -11.17 -15.72 8.56
CA ASP A 86 -12.24 -15.62 9.57
C ASP A 86 -12.91 -14.25 9.52
N ALA A 87 -12.15 -13.20 9.17
CA ALA A 87 -12.66 -11.83 9.04
C ALA A 87 -11.65 -10.94 8.28
N MET A 88 -12.11 -9.79 7.78
CA MET A 88 -11.28 -8.82 7.04
C MET A 88 -11.73 -7.41 7.31
N ALA A 89 -10.78 -6.46 7.36
CA ALA A 89 -11.11 -5.04 7.52
C ALA A 89 -11.00 -4.34 6.18
N LEU A 90 -11.86 -3.35 5.94
CA LEU A 90 -11.83 -2.60 4.70
C LEU A 90 -10.68 -1.61 4.72
N GLY A 91 -9.91 -1.60 3.64
CA GLY A 91 -8.82 -0.67 3.44
C GLY A 91 -9.20 0.29 2.35
N ASN A 92 -8.50 1.42 2.22
CA ASN A 92 -8.81 2.44 1.22
C ASN A 92 -8.84 1.93 -0.23
N HIS A 93 -7.99 0.94 -0.57
CA HIS A 93 -7.93 0.42 -1.93
C HIS A 93 -9.13 -0.45 -2.29
N GLU A 94 -9.96 -0.84 -1.31
CA GLU A 94 -11.22 -1.55 -1.58
C GLU A 94 -12.24 -0.58 -2.24
N PHE A 95 -12.06 0.75 -2.11
CA PHE A 95 -12.92 1.77 -2.71
C PHE A 95 -12.40 2.33 -4.06
N ASP A 96 -11.19 1.90 -4.54
CA ASP A 96 -10.61 2.38 -5.81
C ASP A 96 -11.57 2.29 -7.00
N ASN A 97 -12.35 1.20 -7.10
CA ASN A 97 -13.34 1.01 -8.17
C ASN A 97 -14.76 1.43 -7.72
N GLY A 98 -14.87 2.46 -6.88
CA GLY A 98 -16.16 2.93 -6.39
C GLY A 98 -16.78 1.99 -5.39
N VAL A 99 -18.00 2.33 -4.92
CA VAL A 99 -18.73 1.49 -3.97
C VAL A 99 -19.26 0.26 -4.71
N GLU A 100 -19.60 0.39 -6.00
CA GLU A 100 -20.10 -0.73 -6.79
C GLU A 100 -19.02 -1.80 -6.97
N GLY A 101 -17.77 -1.37 -7.18
CA GLY A 101 -16.61 -2.25 -7.34
C GLY A 101 -16.20 -3.01 -6.09
N LEU A 102 -16.71 -2.59 -4.92
CA LEU A 102 -16.51 -3.25 -3.63
C LEU A 102 -17.71 -4.18 -3.37
N ILE A 103 -18.95 -3.67 -3.60
CA ILE A 103 -20.20 -4.40 -3.38
C ILE A 103 -20.25 -5.71 -4.16
N GLU A 104 -20.38 -5.61 -5.50
CA GLU A 104 -20.59 -6.78 -6.37
C GLU A 104 -19.49 -7.83 -6.33
N PRO A 105 -18.19 -7.50 -6.53
CA PRO A 105 -17.17 -8.56 -6.52
C PRO A 105 -16.91 -9.18 -5.16
N LEU A 106 -16.75 -8.36 -4.13
CA LEU A 106 -16.33 -8.86 -2.85
C LEU A 106 -17.35 -9.03 -1.75
N LEU A 107 -18.08 -8.01 -1.41
CA LEU A 107 -18.99 -8.14 -0.31
C LEU A 107 -20.05 -9.20 -0.50
N LYS A 108 -20.58 -9.35 -1.70
CA LYS A 108 -21.57 -10.35 -1.96
C LYS A 108 -21.01 -11.75 -2.06
N GLU A 109 -19.81 -11.89 -2.59
CA GLU A 109 -19.20 -13.22 -2.77
C GLU A 109 -18.35 -13.73 -1.58
N ALA A 110 -18.04 -12.87 -0.58
CA ALA A 110 -17.22 -13.26 0.58
C ALA A 110 -17.99 -14.10 1.57
N LYS A 111 -17.41 -15.24 2.03
CA LYS A 111 -18.04 -16.15 3.00
C LYS A 111 -17.59 -15.84 4.45
N PHE A 112 -16.97 -14.69 4.67
CA PHE A 112 -16.45 -14.24 5.96
C PHE A 112 -16.87 -12.79 6.18
N PRO A 113 -17.00 -12.33 7.44
CA PRO A 113 -17.40 -10.94 7.67
C PRO A 113 -16.39 -9.89 7.20
N ILE A 114 -16.87 -8.74 6.69
CA ILE A 114 -16.03 -7.62 6.27
C ILE A 114 -16.39 -6.48 7.22
N LEU A 115 -15.39 -5.93 7.94
CA LEU A 115 -15.62 -4.99 9.04
C LEU A 115 -15.04 -3.59 8.89
N SER A 116 -15.77 -2.59 9.44
CA SER A 116 -15.36 -1.18 9.50
C SER A 116 -16.40 -0.38 10.30
N ALA A 117 -16.08 -0.07 11.57
CA ALA A 117 -16.99 0.66 12.46
C ALA A 117 -17.12 2.15 12.17
N ASN A 118 -16.05 2.78 11.62
CA ASN A 118 -16.02 4.22 11.36
C ASN A 118 -16.55 4.64 9.96
N ILE A 119 -17.06 3.72 9.14
CA ILE A 119 -17.67 4.08 7.86
C ILE A 119 -19.17 4.09 8.06
N LYS A 120 -19.82 5.25 7.92
CA LYS A 120 -21.28 5.38 8.04
C LYS A 120 -21.84 5.76 6.68
N ALA A 121 -22.78 4.96 6.15
CA ALA A 121 -23.41 5.23 4.86
C ALA A 121 -24.61 6.15 5.08
N LYS A 122 -24.76 7.17 4.23
CA LYS A 122 -25.84 8.15 4.32
C LYS A 122 -26.48 8.40 2.96
N GLY A 123 -27.78 8.66 2.96
CA GLY A 123 -28.55 8.95 1.76
C GLY A 123 -29.12 7.70 1.09
N PRO A 124 -29.04 7.62 -0.27
CA PRO A 124 -29.61 6.45 -0.97
C PRO A 124 -28.84 5.14 -0.79
N LEU A 125 -27.50 5.22 -0.66
CA LEU A 125 -26.60 4.07 -0.50
C LEU A 125 -26.86 3.27 0.78
N ALA A 126 -27.08 3.98 1.91
CA ALA A 126 -27.33 3.41 3.24
C ALA A 126 -28.27 2.21 3.27
N SER A 127 -29.28 2.19 2.38
CA SER A 127 -30.28 1.13 2.27
C SER A 127 -29.76 -0.14 1.57
N GLN A 128 -28.94 0.01 0.50
CA GLN A 128 -28.41 -1.13 -0.25
C GLN A 128 -27.23 -1.78 0.47
N ILE A 129 -26.25 -0.96 0.87
CA ILE A 129 -25.02 -1.44 1.51
C ILE A 129 -25.20 -2.03 2.94
N SER A 130 -26.32 -1.72 3.62
CA SER A 130 -26.58 -2.23 4.98
C SER A 130 -26.42 -3.75 5.07
N GLY A 131 -25.73 -4.22 6.10
CA GLY A 131 -25.51 -5.65 6.33
C GLY A 131 -24.41 -6.33 5.53
N LEU A 132 -23.98 -5.73 4.39
CA LEU A 132 -22.92 -6.30 3.55
C LEU A 132 -21.54 -6.12 4.18
N TYR A 133 -21.40 -5.13 5.09
CA TYR A 133 -20.23 -4.92 5.94
C TYR A 133 -20.78 -4.56 7.32
N LEU A 134 -20.08 -4.94 8.38
CA LEU A 134 -20.53 -4.72 9.75
C LEU A 134 -19.54 -3.89 10.54
N PRO A 135 -19.95 -3.26 11.65
CA PRO A 135 -18.98 -2.56 12.47
C PRO A 135 -18.14 -3.54 13.30
N TYR A 136 -18.72 -4.72 13.66
CA TYR A 136 -18.02 -5.76 14.42
C TYR A 136 -18.54 -7.19 14.07
N LYS A 137 -17.93 -8.21 14.68
CA LYS A 137 -18.41 -9.59 14.57
C LYS A 137 -17.98 -10.38 15.78
N VAL A 138 -18.94 -11.01 16.47
CA VAL A 138 -18.63 -11.87 17.59
C VAL A 138 -18.45 -13.26 16.98
N LEU A 139 -17.18 -13.70 16.88
CA LEU A 139 -16.81 -14.98 16.29
C LEU A 139 -16.60 -16.07 17.36
N PRO A 140 -17.26 -17.24 17.23
CA PRO A 140 -17.01 -18.33 18.19
C PRO A 140 -15.69 -19.07 17.91
N VAL A 141 -14.74 -19.02 18.85
CA VAL A 141 -13.45 -19.71 18.74
C VAL A 141 -13.46 -20.82 19.78
N GLY A 142 -13.74 -22.05 19.36
CA GLY A 142 -13.80 -23.18 20.26
C GLY A 142 -14.96 -23.01 21.21
N ASP A 143 -14.68 -23.14 22.53
CA ASP A 143 -15.70 -22.95 23.58
C ASP A 143 -15.90 -21.48 23.95
N GLU A 144 -15.01 -20.58 23.46
CA GLU A 144 -15.05 -19.14 23.73
C GLU A 144 -15.56 -18.34 22.51
N VAL A 145 -15.66 -17.02 22.67
CA VAL A 145 -16.05 -16.10 21.61
C VAL A 145 -15.07 -14.93 21.64
N VAL A 146 -14.75 -14.39 20.45
CA VAL A 146 -13.85 -13.25 20.30
C VAL A 146 -14.58 -12.21 19.48
N GLY A 147 -14.58 -10.97 19.96
CA GLY A 147 -15.16 -9.85 19.25
C GLY A 147 -14.10 -9.21 18.36
N ILE A 148 -14.46 -8.89 17.12
CA ILE A 148 -13.54 -8.25 16.18
C ILE A 148 -14.22 -7.00 15.72
N VAL A 149 -13.54 -5.85 15.81
CA VAL A 149 -14.13 -4.56 15.48
C VAL A 149 -13.22 -3.89 14.46
N GLY A 150 -13.81 -3.41 13.37
CA GLY A 150 -13.07 -2.83 12.25
C GLY A 150 -12.85 -1.34 12.27
N TYR A 151 -11.83 -0.89 11.51
CA TYR A 151 -11.60 0.55 11.29
C TYR A 151 -10.86 0.77 9.99
N THR A 152 -11.26 1.80 9.23
CA THR A 152 -10.64 2.12 7.93
C THR A 152 -10.04 3.51 8.06
N SER A 153 -9.00 3.83 7.28
CA SER A 153 -8.37 5.15 7.32
C SER A 153 -9.42 6.23 7.13
N LYS A 154 -9.43 7.26 8.00
CA LYS A 154 -10.36 8.38 7.82
C LYS A 154 -9.96 9.23 6.61
N GLU A 155 -8.75 9.01 6.05
CA GLU A 155 -8.23 9.70 4.88
C GLU A 155 -8.73 9.07 3.54
N THR A 156 -9.48 7.93 3.56
CA THR A 156 -9.98 7.25 2.35
C THR A 156 -10.69 8.17 1.35
N PRO A 157 -11.54 9.15 1.76
CA PRO A 157 -12.19 10.04 0.76
C PRO A 157 -11.21 10.79 -0.15
N PHE A 158 -10.01 11.11 0.38
CA PHE A 158 -8.97 11.79 -0.38
C PHE A 158 -8.09 10.76 -1.10
N LEU A 159 -7.75 9.64 -0.44
CA LEU A 159 -6.86 8.61 -1.00
C LEU A 159 -7.48 7.73 -2.08
N SER A 160 -8.81 7.51 -2.03
CA SER A 160 -9.50 6.62 -2.97
C SER A 160 -10.76 7.30 -3.56
N ASN A 161 -11.75 6.49 -4.02
CA ASN A 161 -12.99 7.02 -4.61
C ASN A 161 -14.22 6.34 -3.97
N PRO A 162 -14.45 6.57 -2.65
CA PRO A 162 -15.63 6.00 -2.01
C PRO A 162 -16.96 6.73 -2.28
N GLY A 163 -16.93 7.88 -2.95
CA GLY A 163 -18.15 8.65 -3.25
C GLY A 163 -18.62 9.54 -2.11
N THR A 164 -19.61 10.40 -2.41
CA THR A 164 -20.18 11.36 -1.46
C THR A 164 -21.10 10.70 -0.40
N ASN A 165 -21.63 9.49 -0.68
CA ASN A 165 -22.55 8.82 0.24
C ASN A 165 -21.92 8.29 1.53
N LEU A 166 -20.67 7.80 1.49
CA LEU A 166 -20.00 7.25 2.68
C LEU A 166 -19.29 8.34 3.48
N VAL A 167 -19.49 8.32 4.82
CA VAL A 167 -18.87 9.26 5.76
C VAL A 167 -17.86 8.46 6.57
N PHE A 168 -16.60 8.93 6.63
CA PHE A 168 -15.51 8.27 7.35
C PHE A 168 -15.23 9.00 8.67
N GLU A 169 -15.70 8.45 9.80
CA GLU A 169 -15.55 9.06 11.12
C GLU A 169 -14.15 8.86 11.71
N ASP A 170 -13.84 9.55 12.82
CA ASP A 170 -12.56 9.39 13.51
C ASP A 170 -12.55 7.96 14.03
N GLU A 171 -11.40 7.30 13.91
CA GLU A 171 -11.27 5.89 14.28
C GLU A 171 -11.58 5.67 15.74
N ILE A 172 -10.93 6.43 16.61
CA ILE A 172 -11.14 6.30 18.06
C ILE A 172 -12.58 6.70 18.49
N THR A 173 -13.19 7.71 17.86
CA THR A 173 -14.54 8.15 18.22
C THR A 173 -15.57 7.10 17.88
N ALA A 174 -15.41 6.41 16.74
CA ALA A 174 -16.36 5.41 16.26
C ALA A 174 -16.13 4.03 16.87
N LEU A 175 -14.89 3.73 17.29
CA LEU A 175 -14.57 2.42 17.85
C LEU A 175 -15.04 2.26 19.29
N GLN A 176 -14.88 3.30 20.14
CA GLN A 176 -15.24 3.20 21.55
C GLN A 176 -16.70 2.75 21.78
N PRO A 177 -17.71 3.35 21.11
CA PRO A 177 -19.08 2.85 21.31
C PRO A 177 -19.32 1.39 20.88
N GLU A 178 -18.61 0.90 19.85
CA GLU A 178 -18.79 -0.50 19.42
C GLU A 178 -18.11 -1.46 20.40
N VAL A 179 -17.03 -1.00 21.04
CA VAL A 179 -16.28 -1.78 22.03
C VAL A 179 -17.08 -1.83 23.30
N ASP A 180 -17.62 -0.67 23.72
CA ASP A 180 -18.46 -0.58 24.91
C ASP A 180 -19.70 -1.47 24.75
N LYS A 181 -20.23 -1.60 23.53
CA LYS A 181 -21.39 -2.46 23.24
C LYS A 181 -21.00 -3.93 23.38
N LEU A 182 -19.83 -4.30 22.85
CA LEU A 182 -19.33 -5.68 22.94
C LEU A 182 -19.09 -6.07 24.41
N LYS A 183 -18.55 -5.13 25.21
CA LYS A 183 -18.32 -5.39 26.63
C LYS A 183 -19.65 -5.59 27.38
N THR A 184 -20.73 -4.85 27.02
CA THR A 184 -22.04 -5.01 27.66
C THR A 184 -22.67 -6.37 27.33
N LEU A 185 -22.20 -7.04 26.24
CA LEU A 185 -22.62 -8.39 25.87
C LEU A 185 -21.61 -9.42 26.41
N ASN A 186 -20.85 -9.03 27.46
CA ASN A 186 -19.84 -9.85 28.14
C ASN A 186 -18.81 -10.44 27.17
N VAL A 187 -18.50 -9.72 26.06
CA VAL A 187 -17.49 -10.12 25.11
C VAL A 187 -16.24 -9.43 25.66
N ASN A 188 -15.44 -10.20 26.42
CA ASN A 188 -14.25 -9.72 27.14
C ASN A 188 -12.95 -9.79 26.31
N LYS A 189 -12.83 -10.73 25.35
CA LYS A 189 -11.66 -10.85 24.48
C LYS A 189 -12.00 -10.14 23.18
N ILE A 190 -11.40 -8.97 22.94
CA ILE A 190 -11.74 -8.14 21.78
C ILE A 190 -10.51 -7.65 20.98
N ILE A 191 -10.54 -7.81 19.62
CA ILE A 191 -9.45 -7.41 18.69
C ILE A 191 -9.87 -6.25 17.81
N ALA A 192 -9.00 -5.23 17.70
CA ALA A 192 -9.21 -4.09 16.80
C ALA A 192 -8.44 -4.46 15.53
N LEU A 193 -9.18 -4.63 14.43
CA LEU A 193 -8.59 -5.05 13.15
C LEU A 193 -8.92 -3.94 12.17
N GLY A 194 -7.94 -3.21 11.67
CA GLY A 194 -8.22 -2.11 10.74
C GLY A 194 -7.11 -1.71 9.80
N HIS A 195 -7.32 -0.60 9.08
CA HIS A 195 -6.41 -0.12 8.05
C HIS A 195 -6.15 1.40 8.13
N SER A 196 -5.35 1.84 9.12
CA SER A 196 -5.04 3.28 9.28
C SER A 196 -3.56 3.61 9.48
N GLY A 197 -2.69 2.62 9.52
CA GLY A 197 -1.27 2.88 9.71
C GLY A 197 -0.86 2.62 11.14
N PHE A 198 0.42 2.37 11.31
CA PHE A 198 1.00 2.02 12.59
C PHE A 198 0.84 3.07 13.66
N GLU A 199 0.85 4.37 13.28
CA GLU A 199 0.67 5.46 14.27
C GLU A 199 -0.73 5.47 14.81
N MET A 200 -1.75 5.29 13.95
CA MET A 200 -3.15 5.24 14.40
C MET A 200 -3.41 3.95 15.17
N ASP A 201 -2.77 2.80 14.77
CA ASP A 201 -2.90 1.53 15.49
C ASP A 201 -2.41 1.73 16.93
N LYS A 202 -1.28 2.44 17.11
CA LYS A 202 -0.71 2.75 18.43
C LYS A 202 -1.62 3.69 19.27
N LEU A 203 -2.36 4.61 18.63
CA LEU A 203 -3.30 5.48 19.35
C LEU A 203 -4.56 4.73 19.73
N ILE A 204 -5.04 3.83 18.84
CA ILE A 204 -6.21 2.99 19.10
C ILE A 204 -5.98 2.15 20.36
N ALA A 205 -4.81 1.49 20.47
CA ALA A 205 -4.41 0.71 21.64
C ALA A 205 -4.39 1.57 22.90
N GLN A 206 -3.81 2.77 22.80
CA GLN A 206 -3.67 3.70 23.91
C GLN A 206 -4.99 4.26 24.40
N LYS A 207 -5.79 4.81 23.47
CA LYS A 207 -7.03 5.52 23.79
C LYS A 207 -8.30 4.68 23.88
N VAL A 208 -8.54 3.71 22.97
CA VAL A 208 -9.79 2.91 23.00
C VAL A 208 -9.74 1.90 24.16
N ARG A 209 -10.58 2.14 25.20
CA ARG A 209 -10.66 1.27 26.39
C ARG A 209 -11.30 -0.05 26.04
N GLY A 210 -10.72 -1.15 26.52
CA GLY A 210 -11.23 -2.49 26.27
C GLY A 210 -10.51 -3.29 25.19
N VAL A 211 -9.95 -2.63 24.15
CA VAL A 211 -9.24 -3.31 23.05
C VAL A 211 -8.04 -4.09 23.60
N ASP A 212 -8.05 -5.43 23.46
CA ASP A 212 -6.96 -6.26 23.97
C ASP A 212 -5.80 -6.37 22.98
N VAL A 213 -6.06 -6.37 21.64
CA VAL A 213 -5.00 -6.52 20.60
C VAL A 213 -5.32 -5.62 19.43
N VAL A 214 -4.28 -5.12 18.71
CA VAL A 214 -4.49 -4.25 17.54
C VAL A 214 -3.78 -4.83 16.34
N VAL A 215 -4.58 -5.45 15.38
CA VAL A 215 -3.96 -5.92 14.07
C VAL A 215 -4.24 -4.82 13.18
N GLY A 216 -3.36 -4.60 12.24
CA GLY A 216 -3.48 -3.41 11.37
C GLY A 216 -2.70 -3.52 10.08
N GLY A 217 -2.80 -2.46 9.28
CA GLY A 217 -2.16 -2.33 7.98
C GLY A 217 -1.98 -0.87 7.59
N HIS A 218 -1.88 -0.60 6.27
CA HIS A 218 -1.71 0.74 5.64
C HIS A 218 -0.28 1.33 5.63
N SER A 219 0.52 1.13 6.68
CA SER A 219 1.88 1.68 6.75
C SER A 219 2.98 0.71 6.24
N ASN A 220 2.61 -0.51 5.76
CA ASN A 220 3.56 -1.57 5.33
C ASN A 220 4.64 -1.80 6.39
N THR A 221 4.25 -1.72 7.69
CA THR A 221 5.19 -1.82 8.80
C THR A 221 5.65 -3.25 8.98
N PHE A 222 6.92 -3.41 9.34
CA PHE A 222 7.50 -4.70 9.60
C PHE A 222 7.99 -4.63 11.02
N LEU A 223 7.45 -5.48 11.89
CA LEU A 223 7.90 -5.58 13.27
C LEU A 223 8.59 -6.95 13.37
N TYR A 224 9.62 -7.05 14.20
CA TYR A 224 10.34 -8.33 14.40
C TYR A 224 11.14 -8.36 15.69
N THR A 225 11.01 -9.46 16.46
CA THR A 225 11.77 -9.68 17.69
C THR A 225 12.93 -10.63 17.38
N GLY A 226 14.15 -10.08 17.29
CA GLY A 226 15.36 -10.84 16.99
C GLY A 226 15.96 -10.52 15.63
N ASN A 227 16.76 -11.45 15.08
CA ASN A 227 17.39 -11.27 13.77
C ASN A 227 16.37 -11.53 12.68
N PRO A 228 16.05 -10.55 11.80
CA PRO A 228 15.03 -10.78 10.77
C PRO A 228 15.46 -11.75 9.67
N PRO A 229 14.51 -12.41 8.98
CA PRO A 229 14.90 -13.39 7.96
C PRO A 229 15.20 -12.84 6.56
N SER A 230 14.78 -11.59 6.23
CA SER A 230 15.03 -11.01 4.90
C SER A 230 15.45 -9.53 4.95
N LYS A 231 15.50 -8.87 3.77
CA LYS A 231 15.93 -7.49 3.57
C LYS A 231 15.11 -6.43 4.34
N GLU A 232 13.89 -6.76 4.80
CA GLU A 232 13.06 -5.80 5.53
C GLU A 232 13.68 -5.54 6.91
N VAL A 233 13.79 -4.24 7.27
CA VAL A 233 14.36 -3.79 8.54
C VAL A 233 13.19 -3.52 9.49
N PRO A 234 13.17 -4.12 10.70
CA PRO A 234 12.03 -3.90 11.60
C PRO A 234 11.89 -2.48 12.15
N ALA A 235 10.66 -1.97 12.18
CA ALA A 235 10.33 -0.66 12.73
C ALA A 235 10.29 -0.74 14.27
N GLY A 236 10.10 -1.95 14.80
CA GLY A 236 10.06 -2.21 16.23
C GLY A 236 10.01 -3.68 16.53
N LYS A 237 9.81 -4.04 17.81
CA LYS A 237 9.71 -5.45 18.21
C LYS A 237 8.32 -5.98 17.86
N TYR A 238 8.20 -7.32 17.65
CA TYR A 238 6.91 -7.96 17.37
C TYR A 238 6.46 -8.74 18.62
N PRO A 239 5.27 -8.44 19.18
CA PRO A 239 4.38 -7.32 18.88
C PRO A 239 4.98 -6.02 19.43
N PHE A 240 4.44 -4.88 19.01
CA PHE A 240 4.87 -3.60 19.54
C PHE A 240 3.95 -3.36 20.72
N ILE A 241 4.49 -3.32 21.94
CA ILE A 241 3.66 -3.15 23.13
C ILE A 241 3.30 -1.67 23.38
N VAL A 242 2.00 -1.37 23.53
CA VAL A 242 1.48 -0.03 23.83
C VAL A 242 0.88 -0.08 25.24
N THR A 243 1.40 0.69 26.18
CA THR A 243 0.84 0.74 27.53
C THR A 243 -0.36 1.69 27.42
N SER A 244 -1.59 1.20 27.66
CA SER A 244 -2.80 2.01 27.49
C SER A 244 -2.96 3.11 28.54
N ASP A 245 -3.98 3.96 28.36
CA ASP A 245 -4.25 5.01 29.34
C ASP A 245 -4.70 4.37 30.66
N ASP A 246 -5.35 3.18 30.58
CA ASP A 246 -5.79 2.42 31.77
C ASP A 246 -4.80 1.30 32.16
N GLY A 247 -3.50 1.61 32.11
CA GLY A 247 -2.38 0.74 32.50
C GLY A 247 -2.25 -0.63 31.89
N ARG A 248 -3.07 -0.97 30.88
CA ARG A 248 -3.09 -2.29 30.27
C ARG A 248 -2.03 -2.37 29.16
N LYS A 249 -1.23 -3.45 29.12
CA LYS A 249 -0.23 -3.66 28.08
C LYS A 249 -0.98 -4.20 26.87
N VAL A 250 -1.06 -3.42 25.78
CA VAL A 250 -1.75 -3.80 24.56
C VAL A 250 -0.75 -4.10 23.44
N PRO A 251 -0.68 -5.34 22.90
CA PRO A 251 0.22 -5.60 21.77
C PRO A 251 -0.35 -5.10 20.45
N VAL A 252 0.53 -4.55 19.56
CA VAL A 252 0.18 -4.03 18.24
C VAL A 252 0.97 -4.78 17.16
N VAL A 253 0.29 -5.33 16.12
CA VAL A 253 0.97 -6.09 15.06
C VAL A 253 0.64 -5.59 13.64
N GLN A 254 1.58 -5.88 12.73
CA GLN A 254 1.53 -5.61 11.28
C GLN A 254 2.47 -6.65 10.63
N ALA A 255 2.17 -7.10 9.39
CA ALA A 255 2.89 -8.19 8.72
C ALA A 255 3.47 -7.77 7.38
N TYR A 256 4.12 -6.58 7.34
CA TYR A 256 4.73 -5.98 6.14
C TYR A 256 3.69 -5.79 5.03
N ALA A 257 3.76 -6.55 3.91
CA ALA A 257 2.91 -6.38 2.74
C ALA A 257 3.23 -7.41 1.68
N PHE A 258 2.43 -7.42 0.61
CA PHE A 258 2.60 -8.24 -0.59
C PHE A 258 2.49 -9.74 -0.33
N GLY A 259 1.88 -10.14 0.78
CA GLY A 259 1.76 -11.54 1.18
C GLY A 259 3.10 -12.25 1.33
N LYS A 260 4.19 -11.49 1.57
CA LYS A 260 5.54 -12.04 1.70
C LYS A 260 5.72 -12.70 3.07
N TYR A 261 5.10 -12.10 4.10
CA TYR A 261 5.13 -12.59 5.47
C TYR A 261 3.72 -12.91 5.94
N LEU A 262 3.60 -13.96 6.76
CA LEU A 262 2.36 -14.30 7.43
C LEU A 262 2.57 -13.87 8.87
N GLY A 263 1.87 -12.83 9.31
CA GLY A 263 1.92 -12.37 10.69
C GLY A 263 1.41 -13.47 11.62
N TYR A 264 2.05 -13.66 12.78
CA TYR A 264 1.70 -14.72 13.73
C TYR A 264 1.89 -14.24 15.15
N LEU A 265 0.80 -14.16 15.94
CA LEU A 265 0.86 -13.76 17.34
C LEU A 265 0.05 -14.72 18.19
N LYS A 266 0.69 -15.29 19.23
CA LYS A 266 0.04 -16.16 20.19
C LYS A 266 -0.28 -15.29 21.41
N ILE A 267 -1.58 -15.16 21.77
CA ILE A 267 -2.02 -14.38 22.94
C ILE A 267 -2.53 -15.36 23.96
N GLU A 268 -2.00 -15.28 25.19
CA GLU A 268 -2.41 -16.13 26.30
C GLU A 268 -3.37 -15.32 27.19
N PHE A 269 -4.68 -15.68 27.20
CA PHE A 269 -5.68 -15.00 28.01
C PHE A 269 -5.96 -15.75 29.30
N ASP A 270 -6.61 -15.05 30.25
CA ASP A 270 -7.09 -15.63 31.52
C ASP A 270 -8.61 -15.89 31.36
N GLU A 271 -9.36 -16.09 32.47
CA GLU A 271 -10.80 -16.39 32.38
C GLU A 271 -11.62 -15.13 32.09
N ARG A 272 -11.18 -13.96 32.60
CA ARG A 272 -11.85 -12.67 32.39
C ARG A 272 -11.46 -11.95 31.08
N GLY A 273 -10.77 -12.64 30.15
CA GLY A 273 -10.38 -12.07 28.88
C GLY A 273 -9.24 -11.08 28.92
N ASN A 274 -8.48 -11.05 30.02
CA ASN A 274 -7.34 -10.14 30.12
C ASN A 274 -6.17 -10.80 29.43
N VAL A 275 -5.29 -10.01 28.81
CA VAL A 275 -4.11 -10.56 28.15
C VAL A 275 -2.99 -10.71 29.21
N ILE A 276 -2.62 -11.97 29.51
CA ILE A 276 -1.59 -12.28 30.51
C ILE A 276 -0.25 -11.93 29.88
N SER A 277 -0.05 -12.43 28.66
CA SER A 277 1.16 -12.22 27.87
C SER A 277 0.86 -12.54 26.40
N SER A 278 1.86 -12.33 25.54
CA SER A 278 1.79 -12.68 24.12
C SER A 278 3.19 -12.77 23.55
N HIS A 279 3.31 -13.45 22.41
CA HIS A 279 4.57 -13.61 21.72
C HIS A 279 4.30 -14.05 20.31
N GLY A 280 5.30 -13.89 19.46
CA GLY A 280 5.20 -14.29 18.07
C GLY A 280 6.26 -13.61 17.23
N ASN A 281 6.06 -13.66 15.90
CA ASN A 281 6.94 -13.05 14.91
C ASN A 281 6.33 -13.29 13.53
N PRO A 282 6.51 -12.40 12.55
CA PRO A 282 5.98 -12.68 11.21
C PRO A 282 6.77 -13.80 10.55
N ILE A 283 6.08 -14.79 9.96
CA ILE A 283 6.73 -15.96 9.32
C ILE A 283 7.05 -15.63 7.86
N LEU A 284 8.32 -15.76 7.44
CA LEU A 284 8.71 -15.49 6.06
C LEU A 284 8.19 -16.62 5.17
N LEU A 285 7.26 -16.31 4.25
CA LEU A 285 6.72 -17.31 3.33
C LEU A 285 7.71 -17.57 2.19
N ASP A 286 8.81 -18.30 2.48
CA ASP A 286 9.86 -18.57 1.47
C ASP A 286 9.75 -19.97 0.87
N SER A 287 10.65 -20.28 -0.08
CA SER A 287 10.70 -21.54 -0.82
C SER A 287 10.64 -22.81 0.03
N SER A 288 11.10 -22.77 1.30
CA SER A 288 11.04 -23.92 2.24
C SER A 288 9.59 -24.35 2.52
N ILE A 289 8.63 -23.39 2.50
CA ILE A 289 7.21 -23.70 2.68
C ILE A 289 6.67 -24.07 1.29
N PRO A 290 6.24 -25.32 1.01
CA PRO A 290 5.74 -25.62 -0.34
C PRO A 290 4.37 -25.02 -0.62
N GLU A 291 4.09 -24.69 -1.89
CA GLU A 291 2.78 -24.18 -2.31
C GLU A 291 1.82 -25.36 -2.29
N ASP A 292 0.59 -25.16 -1.78
CA ASP A 292 -0.38 -26.26 -1.74
C ASP A 292 -0.78 -26.68 -3.17
N PRO A 293 -0.75 -27.98 -3.50
CA PRO A 293 -1.09 -28.40 -4.88
C PRO A 293 -2.49 -28.01 -5.35
N SER A 294 -3.51 -28.21 -4.50
CA SER A 294 -4.89 -27.89 -4.84
C SER A 294 -5.05 -26.41 -5.17
N ILE A 295 -4.45 -25.52 -4.35
CA ILE A 295 -4.54 -24.07 -4.56
C ILE A 295 -3.72 -23.68 -5.78
N LYS A 296 -2.46 -24.15 -5.90
CA LYS A 296 -1.59 -23.82 -7.04
C LYS A 296 -2.24 -24.22 -8.37
N ALA A 297 -2.88 -25.39 -8.41
CA ALA A 297 -3.59 -25.86 -9.61
C ALA A 297 -4.79 -24.93 -9.89
N ASP A 298 -5.45 -24.40 -8.84
CA ASP A 298 -6.57 -23.46 -9.01
C ASP A 298 -6.06 -22.07 -9.43
N ILE A 299 -4.86 -21.66 -8.98
CA ILE A 299 -4.24 -20.39 -9.39
C ILE A 299 -3.92 -20.50 -10.89
N ASN A 300 -3.34 -21.65 -11.31
CA ASN A 300 -2.99 -21.89 -12.71
C ASN A 300 -4.21 -21.84 -13.63
N LYS A 301 -5.41 -22.24 -13.15
CA LYS A 301 -6.64 -22.18 -13.96
C LYS A 301 -7.01 -20.71 -14.20
N TRP A 302 -6.94 -19.88 -13.15
CA TRP A 302 -7.24 -18.45 -13.26
C TRP A 302 -6.15 -17.70 -14.02
N ARG A 303 -4.89 -18.18 -14.00
CA ARG A 303 -3.76 -17.54 -14.71
C ARG A 303 -3.94 -17.53 -16.24
N ILE A 304 -4.66 -18.52 -16.81
CA ILE A 304 -4.84 -18.64 -18.26
C ILE A 304 -5.39 -17.36 -18.92
N LYS A 305 -6.37 -16.68 -18.30
CA LYS A 305 -6.95 -15.45 -18.86
C LYS A 305 -5.95 -14.27 -18.82
N LEU A 306 -5.00 -14.29 -17.88
CA LEU A 306 -3.99 -13.22 -17.72
C LEU A 306 -2.79 -13.35 -18.67
N ASP A 307 -2.58 -14.50 -19.33
CA ASP A 307 -1.40 -14.70 -20.17
C ASP A 307 -1.42 -13.92 -21.51
N ASP A 308 -2.52 -13.24 -21.89
CA ASP A 308 -2.52 -12.43 -23.12
C ASP A 308 -1.72 -11.11 -22.89
N TYR A 309 -1.50 -10.71 -21.62
CA TYR A 309 -0.73 -9.53 -21.20
C TYR A 309 0.75 -9.90 -21.01
N SER A 310 1.04 -11.19 -20.73
CA SER A 310 2.39 -11.74 -20.51
C SER A 310 3.12 -12.11 -21.80
N THR A 311 2.37 -12.25 -22.92
CA THR A 311 2.92 -12.66 -24.20
C THR A 311 3.71 -11.53 -24.89
N GLN A 312 3.09 -10.37 -25.09
CA GLN A 312 3.73 -9.26 -25.80
C GLN A 312 4.89 -8.60 -25.07
N GLU A 313 6.08 -8.68 -25.68
CA GLU A 313 7.32 -8.06 -25.21
C GLU A 313 7.30 -6.59 -25.68
N LEU A 314 7.22 -5.65 -24.74
CA LEU A 314 7.17 -4.23 -25.08
C LEU A 314 8.55 -3.70 -25.41
N GLY A 315 9.55 -4.10 -24.64
CA GLY A 315 10.92 -3.70 -24.87
C GLY A 315 11.91 -4.63 -24.19
N LYS A 316 13.00 -4.06 -23.64
CA LYS A 316 14.01 -4.83 -22.94
C LYS A 316 14.80 -3.90 -22.02
N THR A 317 15.27 -4.41 -20.86
CA THR A 317 16.07 -3.60 -19.93
C THR A 317 17.34 -4.34 -19.55
N ILE A 318 18.48 -3.63 -19.61
CA ILE A 318 19.78 -4.18 -19.24
C ILE A 318 20.17 -3.68 -17.82
N VAL A 319 19.19 -3.13 -17.06
CA VAL A 319 19.39 -2.63 -15.70
C VAL A 319 18.20 -3.03 -14.81
N TYR A 320 18.42 -3.09 -13.50
CA TYR A 320 17.34 -3.36 -12.55
C TYR A 320 16.55 -2.08 -12.43
N LEU A 321 15.25 -2.11 -12.76
CA LEU A 321 14.40 -0.91 -12.63
C LEU A 321 13.92 -0.87 -11.20
N ASP A 322 14.64 -0.12 -10.37
CA ASP A 322 14.36 0.03 -8.95
C ASP A 322 13.09 0.88 -8.73
N GLY A 323 11.98 0.19 -8.58
CA GLY A 323 10.66 0.75 -8.33
C GLY A 323 10.17 0.33 -6.96
N SER A 324 11.13 0.22 -5.99
CA SER A 324 10.88 -0.16 -4.61
C SER A 324 10.57 1.09 -3.82
N SER A 325 9.88 0.95 -2.70
CA SER A 325 9.57 2.09 -1.84
C SER A 325 10.78 2.54 -1.03
N GLN A 326 11.70 1.62 -0.73
CA GLN A 326 12.89 1.90 0.08
C GLN A 326 13.89 2.81 -0.64
N SER A 327 13.79 2.93 -1.97
CA SER A 327 14.60 3.83 -2.79
C SER A 327 13.75 4.98 -3.26
N CYS A 328 12.64 4.69 -3.96
CA CYS A 328 11.80 5.73 -4.55
C CYS A 328 11.18 6.71 -3.57
N ARG A 329 11.05 6.37 -2.28
CA ARG A 329 10.51 7.29 -1.29
C ARG A 329 11.61 7.99 -0.47
N PHE A 330 12.90 7.63 -0.69
CA PHE A 330 14.05 8.17 0.05
C PHE A 330 15.10 8.87 -0.80
N ARG A 331 15.40 8.34 -2.00
CA ARG A 331 16.45 8.84 -2.86
C ARG A 331 15.97 8.93 -4.30
N GLU A 332 16.86 9.36 -5.20
CA GLU A 332 16.58 9.34 -6.64
C GLU A 332 16.58 7.86 -7.02
N CYS A 333 15.48 7.35 -7.63
CA CYS A 333 15.39 5.94 -8.06
C CYS A 333 15.25 5.90 -9.58
N ASN A 334 16.00 5.02 -10.28
CA ASN A 334 15.99 4.97 -11.74
C ASN A 334 14.61 4.70 -12.38
N MET A 335 13.65 4.09 -11.65
CA MET A 335 12.30 3.88 -12.17
C MET A 335 11.60 5.25 -12.28
N GLY A 336 11.79 6.11 -11.28
CA GLY A 336 11.26 7.46 -11.29
C GLY A 336 11.73 8.27 -12.48
N ASN A 337 13.02 8.16 -12.83
CA ASN A 337 13.63 8.83 -13.97
C ASN A 337 13.08 8.30 -15.28
N LEU A 338 13.00 6.98 -15.43
CA LEU A 338 12.42 6.32 -16.62
C LEU A 338 11.02 6.86 -16.86
N ILE A 339 10.16 6.85 -15.82
CA ILE A 339 8.77 7.31 -15.93
C ILE A 339 8.74 8.78 -16.26
N CYS A 340 9.63 9.60 -15.65
CA CYS A 340 9.67 11.03 -15.97
C CYS A 340 10.20 11.29 -17.39
N ASP A 341 11.14 10.45 -17.90
CA ASP A 341 11.66 10.58 -19.26
C ASP A 341 10.59 10.18 -20.28
N ALA A 342 9.74 9.18 -19.96
CA ALA A 342 8.63 8.79 -20.84
C ALA A 342 7.56 9.89 -20.85
N MET A 343 7.29 10.49 -19.68
CA MET A 343 6.34 11.60 -19.53
C MET A 343 6.75 12.80 -20.36
N ILE A 344 8.02 13.21 -20.27
CA ILE A 344 8.55 14.35 -21.03
C ILE A 344 8.60 14.00 -22.51
N ASN A 345 9.07 12.79 -22.87
CA ASN A 345 9.11 12.36 -24.28
C ASN A 345 7.70 12.27 -24.91
N ASN A 346 6.65 11.95 -24.12
CA ASN A 346 5.27 11.82 -24.62
C ASN A 346 4.75 13.13 -25.19
N ASN A 347 4.80 14.23 -24.41
CA ASN A 347 4.29 15.53 -24.86
C ASN A 347 5.13 16.18 -25.99
N LEU A 348 6.46 15.98 -25.98
CA LEU A 348 7.35 16.60 -26.98
C LEU A 348 7.26 15.95 -28.35
N HIS A 358 8.42 22.28 -25.86
CA HIS A 358 7.20 22.72 -25.17
C HIS A 358 7.41 22.65 -23.65
N VAL A 359 7.48 21.42 -23.09
CA VAL A 359 7.63 21.20 -21.65
C VAL A 359 8.87 20.34 -21.40
N SER A 360 9.72 20.76 -20.45
CA SER A 360 10.96 20.06 -20.11
C SER A 360 11.01 19.49 -18.69
N MET A 361 10.16 20.00 -17.77
CA MET A 361 10.19 19.58 -16.37
C MET A 361 9.15 18.52 -16.00
N CYS A 362 9.48 17.68 -14.99
CA CYS A 362 8.65 16.58 -14.49
C CYS A 362 8.77 16.44 -12.99
N ILE A 363 7.65 16.12 -12.31
CA ILE A 363 7.61 15.78 -10.88
C ILE A 363 6.62 14.60 -10.68
N LEU A 364 7.13 13.46 -10.16
CA LEU A 364 6.40 12.19 -9.97
C LEU A 364 6.54 11.72 -8.54
N ASN A 365 5.43 11.52 -7.84
CA ASN A 365 5.44 11.06 -6.44
C ASN A 365 5.93 9.58 -6.34
N GLY A 366 6.91 9.34 -5.46
CA GLY A 366 7.49 8.01 -5.24
C GLY A 366 6.51 6.92 -4.83
N GLY A 367 5.41 7.31 -4.20
CA GLY A 367 4.35 6.38 -3.80
C GLY A 367 3.51 5.86 -4.95
N GLY A 368 3.54 6.56 -6.09
CA GLY A 368 2.84 6.15 -7.29
C GLY A 368 3.58 5.06 -8.04
N ILE A 369 4.91 4.89 -7.76
CA ILE A 369 5.78 3.82 -8.30
C ILE A 369 5.61 2.71 -7.27
N ARG A 370 4.92 1.62 -7.64
CA ARG A 370 4.53 0.60 -6.68
C ARG A 370 5.10 -0.81 -6.89
N SER A 371 6.07 -0.97 -7.77
CA SER A 371 6.74 -2.27 -7.95
C SER A 371 8.00 -2.16 -8.79
N PRO A 372 9.09 -2.86 -8.45
CA PRO A 372 10.25 -2.88 -9.35
C PRO A 372 10.00 -3.79 -10.57
N ILE A 373 10.99 -3.84 -11.48
CA ILE A 373 11.02 -4.76 -12.63
C ILE A 373 12.41 -5.39 -12.61
N ASP A 374 12.52 -6.71 -12.85
CA ASP A 374 13.79 -7.43 -12.82
C ASP A 374 14.42 -7.49 -14.21
N GLU A 375 15.75 -7.61 -14.28
CA GLU A 375 16.51 -7.68 -15.52
C GLU A 375 16.93 -9.11 -15.90
N ARG A 376 16.87 -10.07 -14.95
CA ARG A 376 17.39 -11.43 -15.13
C ARG A 376 16.57 -12.38 -16.05
N ASN A 377 15.33 -12.00 -16.46
CA ASN A 377 14.52 -12.84 -17.38
C ASN A 377 14.87 -12.51 -18.85
N ASP A 378 16.19 -12.42 -19.17
CA ASP A 378 16.70 -11.99 -20.47
C ASP A 378 16.24 -10.54 -20.73
N GLY A 379 16.09 -9.76 -19.66
CA GLY A 379 15.66 -8.37 -19.68
C GLY A 379 14.29 -8.04 -20.23
N THR A 380 13.44 -9.02 -20.58
CA THR A 380 12.14 -8.73 -21.20
C THR A 380 11.18 -7.95 -20.28
N ILE A 381 10.42 -7.00 -20.90
CA ILE A 381 9.40 -6.18 -20.23
C ILE A 381 8.07 -6.44 -20.92
N THR A 382 7.05 -6.83 -20.14
CA THR A 382 5.70 -7.11 -20.64
C THR A 382 4.69 -6.17 -20.01
N TRP A 383 3.46 -6.17 -20.53
CA TRP A 383 2.38 -5.33 -20.01
C TRP A 383 2.09 -5.69 -18.55
N GLU A 384 2.25 -6.98 -18.18
CA GLU A 384 2.08 -7.46 -16.81
C GLU A 384 3.09 -6.79 -15.85
N ASN A 385 4.34 -6.55 -16.29
CA ASN A 385 5.36 -5.89 -15.46
C ASN A 385 4.97 -4.43 -15.22
N LEU A 386 4.56 -3.73 -16.28
CA LEU A 386 4.14 -2.33 -16.20
C LEU A 386 2.81 -2.15 -15.45
N ALA A 387 1.95 -3.19 -15.42
CA ALA A 387 0.68 -3.15 -14.70
C ALA A 387 0.85 -3.17 -13.18
N ALA A 388 2.02 -3.59 -12.69
CA ALA A 388 2.35 -3.61 -11.26
C ALA A 388 3.01 -2.31 -10.84
N VAL A 389 3.76 -1.65 -11.74
CA VAL A 389 4.45 -0.40 -11.42
C VAL A 389 3.43 0.74 -11.32
N LEU A 390 2.53 0.85 -12.31
CA LEU A 390 1.51 1.88 -12.40
C LEU A 390 0.12 1.23 -12.43
N PRO A 391 -0.33 0.62 -11.31
CA PRO A 391 -1.62 -0.08 -11.33
C PRO A 391 -2.87 0.80 -11.28
N PHE A 392 -2.75 2.09 -10.93
CA PHE A 392 -3.91 2.96 -10.75
C PHE A 392 -4.55 3.47 -12.02
N GLY A 393 -3.89 3.35 -13.17
CA GLY A 393 -4.46 3.81 -14.43
C GLY A 393 -4.82 5.28 -14.46
N GLY A 394 -3.98 6.12 -13.85
CA GLY A 394 -4.18 7.56 -13.84
C GLY A 394 -3.76 8.18 -15.15
N THR A 395 -3.58 9.51 -15.18
CA THR A 395 -3.13 10.19 -16.40
C THR A 395 -2.05 11.19 -16.05
N PHE A 396 -1.02 11.30 -16.92
CA PHE A 396 0.07 12.26 -16.74
C PHE A 396 -0.36 13.59 -17.37
N ASP A 397 -0.92 14.49 -16.54
CA ASP A 397 -1.43 15.80 -16.95
C ASP A 397 -0.37 16.88 -17.02
N LEU A 398 -0.67 17.93 -17.79
CA LEU A 398 0.19 19.11 -17.99
C LEU A 398 -0.33 20.20 -17.04
N VAL A 399 0.58 20.90 -16.32
CA VAL A 399 0.21 22.03 -15.45
C VAL A 399 1.19 23.18 -15.59
N GLN A 400 0.66 24.40 -15.57
CA GLN A 400 1.45 25.63 -15.63
C GLN A 400 1.57 26.10 -14.18
N LEU A 401 2.80 26.19 -13.66
CA LEU A 401 3.07 26.54 -12.26
C LEU A 401 4.07 27.68 -12.13
N LYS A 402 3.92 28.45 -11.04
CA LYS A 402 4.83 29.55 -10.69
C LYS A 402 6.06 28.90 -10.04
N GLY A 403 7.17 29.64 -9.97
CA GLY A 403 8.40 29.15 -9.36
C GLY A 403 8.26 28.88 -7.87
N SER A 404 7.54 29.77 -7.17
CA SER A 404 7.25 29.66 -5.74
C SER A 404 6.39 28.44 -5.44
N THR A 405 5.50 28.05 -6.38
CA THR A 405 4.66 26.86 -6.23
C THR A 405 5.53 25.58 -6.27
N LEU A 406 6.53 25.51 -7.17
CA LEU A 406 7.45 24.35 -7.23
C LEU A 406 8.35 24.32 -5.99
N LYS A 407 8.82 25.50 -5.51
CA LYS A 407 9.66 25.59 -4.30
C LYS A 407 8.89 25.01 -3.13
N LYS A 408 7.61 25.43 -2.98
CA LYS A 408 6.71 24.91 -1.94
C LYS A 408 6.49 23.40 -2.10
N ALA A 409 6.39 22.90 -3.36
CA ALA A 409 6.22 21.48 -3.63
C ALA A 409 7.45 20.71 -3.19
N PHE A 410 8.64 21.13 -3.65
CA PHE A 410 9.92 20.47 -3.26
C PHE A 410 10.18 20.53 -1.75
N GLU A 411 9.64 21.54 -1.05
CA GLU A 411 9.72 21.64 0.41
C GLU A 411 8.77 20.62 1.04
N HIS A 412 7.59 20.39 0.42
CA HIS A 412 6.63 19.38 0.88
C HIS A 412 7.23 17.97 0.66
N SER A 413 7.94 17.76 -0.46
CA SER A 413 8.59 16.50 -0.82
C SER A 413 9.48 15.91 0.31
N VAL A 414 10.02 16.74 1.22
CA VAL A 414 10.87 16.28 2.32
C VAL A 414 10.48 16.94 3.66
N HIS A 415 9.21 17.36 3.83
CA HIS A 415 8.79 18.02 5.07
C HIS A 415 8.81 17.07 6.28
N ARG A 416 8.44 15.80 6.07
CA ARG A 416 8.43 14.77 7.11
C ARG A 416 9.28 13.60 6.63
N TYR A 417 10.45 13.90 6.04
CA TYR A 417 11.34 12.88 5.50
C TYR A 417 11.71 11.82 6.55
N GLY A 418 11.83 10.57 6.11
CA GLY A 418 12.20 9.45 6.96
C GLY A 418 11.06 8.61 7.50
N GLN A 419 9.84 8.70 6.90
CA GLN A 419 8.68 7.92 7.34
C GLN A 419 8.11 7.00 6.22
N SER A 420 8.84 6.83 5.09
CA SER A 420 8.44 6.01 3.94
C SER A 420 7.14 6.54 3.30
N THR A 421 6.95 7.88 3.33
CA THR A 421 5.77 8.53 2.75
C THR A 421 6.00 8.74 1.27
N GLY A 422 4.96 8.49 0.49
CA GLY A 422 5.01 8.57 -0.95
C GLY A 422 5.05 9.96 -1.55
N GLU A 423 4.97 11.03 -0.71
CA GLU A 423 5.04 12.40 -1.24
C GLU A 423 6.43 12.76 -1.78
N PHE A 424 7.51 11.98 -1.48
CA PHE A 424 8.85 12.25 -2.03
C PHE A 424 8.77 12.28 -3.54
N LEU A 425 9.30 13.32 -4.18
CA LEU A 425 9.21 13.50 -5.62
C LEU A 425 10.41 12.99 -6.40
N GLN A 426 10.13 12.21 -7.45
CA GLN A 426 11.06 11.75 -8.48
C GLN A 426 10.87 12.76 -9.59
N VAL A 427 11.97 13.20 -10.22
CA VAL A 427 11.96 14.29 -11.17
C VAL A 427 12.68 14.02 -12.50
N GLY A 428 12.36 14.86 -13.48
CA GLY A 428 12.97 14.86 -14.81
C GLY A 428 13.08 16.29 -15.27
N GLY A 429 14.26 16.70 -15.73
CA GLY A 429 14.46 18.09 -16.13
C GLY A 429 14.62 19.03 -14.95
N ILE A 430 14.84 18.49 -13.73
CA ILE A 430 15.03 19.27 -12.50
C ILE A 430 16.25 18.71 -11.78
N HIS A 431 17.11 19.61 -11.25
CA HIS A 431 18.28 19.23 -10.43
C HIS A 431 18.05 19.84 -9.04
N VAL A 432 17.65 19.02 -8.04
CA VAL A 432 17.34 19.46 -6.67
C VAL A 432 18.36 18.94 -5.66
N VAL A 433 18.73 19.79 -4.67
CA VAL A 433 19.69 19.47 -3.61
C VAL A 433 19.06 19.86 -2.27
N TYR A 434 18.90 18.87 -1.37
CA TYR A 434 18.31 19.07 -0.04
C TYR A 434 19.37 19.05 1.07
N ASP A 435 19.05 19.67 2.20
CA ASP A 435 19.88 19.70 3.41
C ASP A 435 18.92 19.33 4.54
N LEU A 436 18.88 18.05 4.91
CA LEU A 436 17.98 17.55 5.94
C LEU A 436 18.31 18.09 7.37
N SER A 437 19.50 18.72 7.54
CA SER A 437 19.88 19.38 8.80
C SER A 437 18.95 20.59 9.02
N ARG A 438 18.53 21.26 7.93
CA ARG A 438 17.64 22.43 8.03
C ARG A 438 16.21 22.05 8.46
N LYS A 439 15.45 23.05 8.93
CA LYS A 439 14.11 22.86 9.47
C LYS A 439 13.06 22.60 8.37
N PRO A 440 11.98 21.81 8.66
CA PRO A 440 10.94 21.59 7.64
C PRO A 440 10.38 22.90 7.11
N GLY A 441 10.35 23.04 5.79
CA GLY A 441 9.93 24.26 5.13
C GLY A 441 11.09 25.08 4.60
N ASP A 442 12.36 24.68 4.93
CA ASP A 442 13.58 25.37 4.46
C ASP A 442 14.71 24.35 4.13
N ARG A 443 14.35 23.13 3.69
CA ARG A 443 15.33 22.08 3.40
C ARG A 443 15.87 22.06 1.96
N VAL A 444 15.24 22.78 1.01
CA VAL A 444 15.70 22.86 -0.39
C VAL A 444 16.83 23.91 -0.46
N VAL A 445 18.11 23.48 -0.55
CA VAL A 445 19.27 24.40 -0.63
C VAL A 445 19.57 24.82 -2.06
N LYS A 446 19.32 23.94 -3.06
CA LYS A 446 19.55 24.24 -4.48
C LYS A 446 18.42 23.63 -5.31
N LEU A 447 18.06 24.31 -6.40
CA LEU A 447 17.00 23.84 -7.29
C LEU A 447 17.16 24.52 -8.65
N ASP A 448 17.83 23.85 -9.56
CA ASP A 448 18.02 24.35 -10.91
C ASP A 448 17.05 23.61 -11.77
N VAL A 449 16.57 24.27 -12.84
CA VAL A 449 15.60 23.68 -13.75
C VAL A 449 16.02 23.91 -15.18
N LEU A 450 15.61 22.99 -16.06
CA LEU A 450 15.93 23.03 -17.48
C LEU A 450 15.09 24.16 -18.09
N CYS A 451 15.76 25.25 -18.50
CA CYS A 451 15.07 26.40 -19.06
C CYS A 451 14.28 26.05 -20.33
N THR A 452 13.17 26.77 -20.56
CA THR A 452 12.33 26.59 -21.75
C THR A 452 12.66 27.72 -22.71
N LYS A 453 12.51 28.98 -22.26
CA LYS A 453 12.78 30.16 -23.07
C LYS A 453 14.32 30.36 -23.22
N CYS A 454 14.95 29.48 -24.01
CA CYS A 454 16.40 29.46 -24.26
C CYS A 454 16.66 28.55 -25.47
N ARG A 455 17.61 28.91 -26.34
CA ARG A 455 17.90 28.13 -27.56
C ARG A 455 18.57 26.81 -27.23
N VAL A 456 19.52 26.83 -26.29
CA VAL A 456 20.21 25.64 -25.81
C VAL A 456 19.77 25.42 -24.38
N PRO A 457 18.92 24.41 -24.10
CA PRO A 457 18.53 24.19 -22.71
C PRO A 457 19.71 23.85 -21.79
N SER A 458 19.66 24.41 -20.58
CA SER A 458 20.68 24.20 -19.56
C SER A 458 20.03 24.39 -18.19
N TYR A 459 20.70 23.94 -17.14
CA TYR A 459 20.16 24.02 -15.80
C TYR A 459 20.53 25.33 -15.15
N ASP A 460 19.52 26.21 -14.96
CA ASP A 460 19.67 27.52 -14.35
C ASP A 460 18.85 27.55 -13.07
N PRO A 461 19.19 28.39 -12.07
CA PRO A 461 18.38 28.44 -10.83
C PRO A 461 16.90 28.70 -11.06
N LEU A 462 16.05 28.08 -10.23
CA LEU A 462 14.61 28.31 -10.32
C LEU A 462 14.37 29.72 -9.79
N LYS A 463 13.58 30.51 -10.51
CA LYS A 463 13.23 31.89 -10.14
C LYS A 463 11.81 31.85 -9.62
N MET A 464 11.54 32.49 -8.47
CA MET A 464 10.22 32.47 -7.81
C MET A 464 9.12 33.13 -8.64
N ASP A 465 9.41 34.30 -9.21
CA ASP A 465 8.44 35.06 -10.00
C ASP A 465 8.23 34.57 -11.45
N GLU A 466 8.97 33.54 -11.92
CA GLU A 466 8.82 33.03 -13.30
C GLU A 466 7.79 31.88 -13.34
N VAL A 467 7.21 31.60 -14.54
CA VAL A 467 6.24 30.53 -14.75
C VAL A 467 6.88 29.39 -15.51
N TYR A 468 6.62 28.15 -15.07
CA TYR A 468 7.15 26.93 -15.68
C TYR A 468 6.03 25.93 -15.92
N LYS A 469 6.15 25.13 -16.99
CA LYS A 469 5.19 24.08 -17.35
C LYS A 469 5.76 22.77 -16.80
N VAL A 470 4.93 21.94 -16.14
CA VAL A 470 5.37 20.67 -15.57
C VAL A 470 4.39 19.57 -15.94
N ILE A 471 4.91 18.37 -16.29
CA ILE A 471 4.07 17.19 -16.57
C ILE A 471 4.12 16.31 -15.31
N LEU A 472 2.95 16.04 -14.72
CA LEU A 472 2.84 15.29 -13.47
C LEU A 472 1.57 14.45 -13.41
N PRO A 473 1.52 13.39 -12.59
CA PRO A 473 0.26 12.62 -12.46
C PRO A 473 -0.92 13.49 -12.06
N ASN A 474 -2.13 13.13 -12.54
CA ASN A 474 -3.37 13.84 -12.18
C ASN A 474 -3.62 13.81 -10.65
N PHE A 475 -3.06 12.80 -9.93
CA PHE A 475 -3.12 12.67 -8.47
C PHE A 475 -2.52 13.90 -7.79
N LEU A 476 -1.40 14.38 -8.33
CA LEU A 476 -0.70 15.54 -7.79
C LEU A 476 -1.35 16.83 -8.25
N ALA A 477 -1.84 16.88 -9.49
CA ALA A 477 -2.54 18.06 -10.01
C ALA A 477 -3.79 18.35 -9.20
N ASN A 478 -4.49 17.29 -8.71
CA ASN A 478 -5.72 17.41 -7.91
C ASN A 478 -5.50 17.64 -6.40
N GLY A 479 -4.24 17.77 -5.95
CA GLY A 479 -3.93 18.04 -4.55
C GLY A 479 -3.54 16.84 -3.72
N GLY A 480 -3.43 15.66 -4.32
CA GLY A 480 -3.09 14.44 -3.61
C GLY A 480 -1.73 14.47 -2.95
N ASP A 481 -1.59 13.71 -1.85
CA ASP A 481 -0.38 13.60 -1.03
C ASP A 481 0.00 14.93 -0.36
N GLY A 482 -1.01 15.68 0.04
CA GLY A 482 -0.83 16.97 0.70
C GLY A 482 -0.24 18.06 -0.17
N PHE A 483 -0.31 17.93 -1.50
CA PHE A 483 0.24 18.93 -2.41
C PHE A 483 -0.88 19.92 -2.75
N GLN A 484 -1.45 20.54 -1.70
CA GLN A 484 -2.54 21.49 -1.83
C GLN A 484 -2.11 22.73 -2.59
N MET A 485 -0.83 23.15 -2.44
CA MET A 485 -0.33 24.33 -3.15
C MET A 485 -0.44 24.17 -4.67
N ILE A 486 -0.13 22.98 -5.24
CA ILE A 486 -0.23 22.75 -6.69
C ILE A 486 -1.70 22.99 -7.15
N LYS A 487 -2.69 22.31 -6.52
CA LYS A 487 -4.12 22.49 -6.86
C LYS A 487 -4.60 23.95 -6.70
N ASP A 488 -4.22 24.60 -5.59
CA ASP A 488 -4.64 25.97 -5.31
C ASP A 488 -3.92 27.00 -6.17
N GLU A 489 -2.58 26.93 -6.23
CA GLU A 489 -1.72 27.90 -6.92
C GLU A 489 -1.43 27.62 -8.40
N LEU A 490 -1.94 26.53 -9.02
CA LEU A 490 -1.67 26.31 -10.45
C LEU A 490 -2.41 27.33 -11.31
N LEU A 491 -1.83 27.68 -12.46
CA LEU A 491 -2.41 28.66 -13.40
C LEU A 491 -3.18 27.96 -14.52
N ARG A 492 -2.77 26.75 -14.92
CA ARG A 492 -3.45 25.97 -15.96
C ARG A 492 -3.31 24.47 -15.64
N HIS A 493 -4.28 23.67 -16.12
CA HIS A 493 -4.28 22.22 -15.96
C HIS A 493 -4.97 21.57 -17.17
N ASP A 494 -4.22 20.73 -17.91
CA ASP A 494 -4.72 20.03 -19.08
C ASP A 494 -4.58 18.52 -18.85
N SER A 495 -5.65 17.75 -19.09
CA SER A 495 -5.65 16.30 -18.90
C SER A 495 -4.74 15.62 -19.94
N GLY A 496 -3.86 14.72 -19.50
CA GLY A 496 -2.90 14.03 -20.37
C GLY A 496 -3.27 12.60 -20.69
N ASP A 497 -2.33 11.84 -21.28
CA ASP A 497 -2.55 10.45 -21.66
C ASP A 497 -2.56 9.51 -20.44
N GLN A 498 -3.04 8.27 -20.64
CA GLN A 498 -3.09 7.24 -19.59
C GLN A 498 -1.66 6.82 -19.21
N ASP A 499 -1.33 6.85 -17.90
CA ASP A 499 0.03 6.60 -17.41
C ASP A 499 0.69 5.31 -17.95
N ILE A 500 0.00 4.17 -17.95
CA ILE A 500 0.57 2.91 -18.45
C ILE A 500 0.88 3.05 -19.95
N ASN A 501 -0.06 3.64 -20.72
CA ASN A 501 0.11 3.83 -22.17
C ASN A 501 1.25 4.78 -22.52
N VAL A 502 1.65 5.69 -21.60
CA VAL A 502 2.78 6.61 -21.81
C VAL A 502 4.10 5.85 -21.67
N VAL A 503 4.31 5.16 -20.54
CA VAL A 503 5.54 4.39 -20.33
C VAL A 503 5.62 3.16 -21.25
N SER A 504 4.47 2.57 -21.64
CA SER A 504 4.43 1.43 -22.56
C SER A 504 4.89 1.86 -23.97
N THR A 505 4.46 3.05 -24.42
CA THR A 505 4.83 3.59 -25.73
C THR A 505 6.32 3.92 -25.73
N TYR A 506 6.81 4.68 -24.73
CA TYR A 506 8.23 5.06 -24.61
C TYR A 506 9.17 3.83 -24.60
N ILE A 507 8.81 2.77 -23.88
CA ILE A 507 9.64 1.56 -23.82
C ILE A 507 9.75 0.92 -25.22
N SER A 508 8.62 0.82 -25.96
CA SER A 508 8.61 0.26 -27.32
C SER A 508 9.41 1.12 -28.31
N LYS A 509 9.45 2.44 -28.07
CA LYS A 509 10.21 3.38 -28.89
C LYS A 509 11.71 3.17 -28.64
N MET A 510 12.13 3.15 -27.37
CA MET A 510 13.54 2.95 -27.02
C MET A 510 14.06 1.53 -27.30
N LYS A 511 13.18 0.50 -27.31
CA LYS A 511 13.54 -0.91 -27.50
C LYS A 511 14.36 -1.45 -26.32
N VAL A 512 15.62 -0.99 -26.16
CA VAL A 512 16.47 -1.36 -25.01
C VAL A 512 16.62 -0.11 -24.15
N ILE A 513 16.41 -0.25 -22.83
CA ILE A 513 16.49 0.86 -21.87
C ILE A 513 17.51 0.57 -20.76
N TYR A 514 18.09 1.64 -20.22
CA TYR A 514 19.14 1.55 -19.19
C TYR A 514 19.08 2.79 -18.28
N PRO A 515 17.91 3.10 -17.68
CA PRO A 515 17.84 4.29 -16.81
C PRO A 515 18.77 4.21 -15.62
N ALA A 516 19.31 5.34 -15.17
CA ALA A 516 20.26 5.36 -14.07
C ALA A 516 19.95 6.43 -13.04
N VAL A 517 20.62 6.32 -11.88
CA VAL A 517 20.57 7.30 -10.80
C VAL A 517 21.69 8.25 -11.15
N GLU A 518 21.36 9.46 -11.69
CA GLU A 518 22.35 10.39 -12.23
C GLU A 518 22.45 11.81 -11.56
N GLY A 519 22.00 11.96 -10.33
CA GLY A 519 22.15 13.23 -9.60
C GLY A 519 21.07 14.26 -9.81
N ARG A 520 19.84 13.82 -10.09
CA ARG A 520 18.71 14.76 -10.27
C ARG A 520 18.27 15.20 -8.86
N ILE A 521 18.39 14.29 -7.87
CA ILE A 521 18.11 14.56 -6.46
C ILE A 521 19.41 14.26 -5.71
N LYS A 522 19.86 15.18 -4.85
CA LYS A 522 21.06 15.01 -4.02
C LYS A 522 20.81 15.52 -2.60
N PHE A 523 21.67 15.12 -1.66
CA PHE A 523 21.60 15.52 -0.26
C PHE A 523 22.96 16.08 0.17
N SER A 524 22.97 17.28 0.79
CA SER A 524 24.22 17.93 1.22
C SER A 524 24.61 17.54 2.65
N LEU A 525 25.93 17.56 2.95
CA LEU A 525 26.49 17.26 4.28
C LEU A 525 26.11 18.40 5.26
N GLU A 526 26.65 19.62 5.03
CA GLU A 526 26.40 20.82 5.83
C GLU A 526 26.71 22.08 5.03
ZN ZN B . -1.52 -0.99 0.80
ZN ZN C . -3.84 1.51 2.58
C6 NYW D . -3.30 7.57 -6.89
C4 NYW D . -1.41 7.28 -5.48
C2 NYW D . -1.11 7.99 -7.60
PB NYW D . -1.89 2.50 0.48
O1B NYW D . -3.21 2.59 1.17
O2B NYW D . -1.81 3.41 -0.76
O3B NYW D . -1.62 1.05 -0.01
PA NYW D . 1.13 2.99 0.79
O1A NYW D . 1.82 1.70 0.38
O2A NYW D . 2.03 3.66 1.87
C3A NYW D . -0.51 2.98 1.52
O5' NYW D . 0.94 3.98 -0.42
C5' NYW D . 0.66 5.38 -0.23
C4' NYW D . 0.98 6.19 -1.47
O4' NYW D . 0.18 5.75 -2.59
C3' NYW D . 0.65 7.65 -1.35
O3' NYW D . 1.63 8.35 -0.57
C2' NYW D . 0.54 8.10 -2.81
O2' NYW D . 1.75 8.63 -3.35
C1' NYW D . 0.16 6.81 -3.54
N9 NYW D . -1.14 6.86 -4.20
C8 NYW D . -2.37 6.57 -3.65
N7 NYW D . -3.38 6.76 -4.46
C5 NYW D . -2.78 7.21 -5.62
N6 NYW D . -4.60 7.58 -7.18
N1 NYW D . -2.45 7.96 -7.87
N3 NYW D . -0.52 7.66 -6.41
N2 NYW D . -0.29 8.35 -8.59
H3A2 NYW D . -0.72 3.94 1.97
H3A1 NYW D . -0.49 2.36 2.42
H5'2 NYW D . -0.39 5.45 0.05
H5'1 NYW D . 1.21 5.79 0.61
H4' NYW D . 2.00 6.01 -1.78
H3' NYW D . -0.31 7.79 -0.84
HO3' NYW D . 2.12 8.97 -1.17
H2' NYW D . -0.24 8.86 -2.90
HO2' NYW D . 1.63 9.61 -3.35
H1' NYW D . 0.89 6.55 -4.31
H8 NYW D . -2.48 6.22 -2.62
HN61 NYW D . -4.95 7.84 -8.10
HN62 NYW D . -5.28 7.32 -6.48
H22 NYW D . -0.66 8.59 -9.50
H21 NYW D . 0.71 8.39 -8.47
#